data_3OVL
# 
_entry.id   3OVL 
# 
_audit_conform.dict_name       mmcif_pdbx.dic 
_audit_conform.dict_version    5.387 
_audit_conform.dict_location   http://mmcif.pdb.org/dictionaries/ascii/mmcif_pdbx.dic 
# 
loop_
_database_2.database_id 
_database_2.database_code 
_database_2.pdbx_database_accession 
_database_2.pdbx_DOI 
PDB   3OVL         pdb_00003ovl 10.2210/pdb3ovl/pdb 
RCSB  RCSB061628   ?            ?                   
WWPDB D_1000061628 ?            ?                   
# 
loop_
_pdbx_audit_revision_history.ordinal 
_pdbx_audit_revision_history.data_content_type 
_pdbx_audit_revision_history.major_revision 
_pdbx_audit_revision_history.minor_revision 
_pdbx_audit_revision_history.revision_date 
1 'Structure model' 1 0 2011-07-06 
2 'Structure model' 1 1 2011-07-13 
3 'Structure model' 1 2 2024-02-21 
# 
_pdbx_audit_revision_details.ordinal             1 
_pdbx_audit_revision_details.revision_ordinal    1 
_pdbx_audit_revision_details.data_content_type   'Structure model' 
_pdbx_audit_revision_details.provider            repository 
_pdbx_audit_revision_details.type                'Initial release' 
_pdbx_audit_revision_details.description         ? 
_pdbx_audit_revision_details.details             ? 
# 
loop_
_pdbx_audit_revision_group.ordinal 
_pdbx_audit_revision_group.revision_ordinal 
_pdbx_audit_revision_group.data_content_type 
_pdbx_audit_revision_group.group 
1 2 'Structure model' 'Version format compliance' 
2 3 'Structure model' 'Data collection'           
3 3 'Structure model' 'Database references'       
4 3 'Structure model' 'Derived calculations'      
# 
loop_
_pdbx_audit_revision_category.ordinal 
_pdbx_audit_revision_category.revision_ordinal 
_pdbx_audit_revision_category.data_content_type 
_pdbx_audit_revision_category.category 
1 3 'Structure model' chem_comp_atom         
2 3 'Structure model' chem_comp_bond         
3 3 'Structure model' database_2             
4 3 'Structure model' pdbx_struct_conn_angle 
5 3 'Structure model' struct_conn            
6 3 'Structure model' struct_site            
# 
loop_
_pdbx_audit_revision_item.ordinal 
_pdbx_audit_revision_item.revision_ordinal 
_pdbx_audit_revision_item.data_content_type 
_pdbx_audit_revision_item.item 
1  3 'Structure model' '_database_2.pdbx_DOI'                        
2  3 'Structure model' '_database_2.pdbx_database_accession'         
3  3 'Structure model' '_pdbx_struct_conn_angle.ptnr1_auth_comp_id'  
4  3 'Structure model' '_pdbx_struct_conn_angle.ptnr1_auth_seq_id'   
5  3 'Structure model' '_pdbx_struct_conn_angle.ptnr1_label_asym_id' 
6  3 'Structure model' '_pdbx_struct_conn_angle.ptnr1_label_atom_id' 
7  3 'Structure model' '_pdbx_struct_conn_angle.ptnr1_label_comp_id' 
8  3 'Structure model' '_pdbx_struct_conn_angle.ptnr1_label_seq_id'  
9  3 'Structure model' '_pdbx_struct_conn_angle.ptnr2_auth_seq_id'   
10 3 'Structure model' '_pdbx_struct_conn_angle.ptnr2_label_asym_id' 
11 3 'Structure model' '_pdbx_struct_conn_angle.ptnr3_auth_comp_id'  
12 3 'Structure model' '_pdbx_struct_conn_angle.ptnr3_auth_seq_id'   
13 3 'Structure model' '_pdbx_struct_conn_angle.ptnr3_label_asym_id' 
14 3 'Structure model' '_pdbx_struct_conn_angle.ptnr3_label_atom_id' 
15 3 'Structure model' '_pdbx_struct_conn_angle.ptnr3_label_comp_id' 
16 3 'Structure model' '_pdbx_struct_conn_angle.ptnr3_label_seq_id'  
17 3 'Structure model' '_pdbx_struct_conn_angle.value'               
18 3 'Structure model' '_struct_conn.pdbx_dist_value'                
19 3 'Structure model' '_struct_conn.ptnr1_auth_comp_id'             
20 3 'Structure model' '_struct_conn.ptnr1_auth_seq_id'              
21 3 'Structure model' '_struct_conn.ptnr1_label_asym_id'            
22 3 'Structure model' '_struct_conn.ptnr1_label_atom_id'            
23 3 'Structure model' '_struct_conn.ptnr1_label_comp_id'            
24 3 'Structure model' '_struct_conn.ptnr1_label_seq_id'             
25 3 'Structure model' '_struct_conn.ptnr2_auth_comp_id'             
26 3 'Structure model' '_struct_conn.ptnr2_auth_seq_id'              
27 3 'Structure model' '_struct_conn.ptnr2_label_asym_id'            
28 3 'Structure model' '_struct_conn.ptnr2_label_atom_id'            
29 3 'Structure model' '_struct_conn.ptnr2_label_comp_id'            
30 3 'Structure model' '_struct_site.pdbx_auth_asym_id'              
31 3 'Structure model' '_struct_site.pdbx_auth_comp_id'              
32 3 'Structure model' '_struct_site.pdbx_auth_seq_id'               
# 
_pdbx_database_status.entry_id                        3OVL 
_pdbx_database_status.status_code                     REL 
_pdbx_database_status.deposit_site                    RCSB 
_pdbx_database_status.process_site                    RCSB 
_pdbx_database_status.recvd_initial_deposition_date   2010-09-16 
_pdbx_database_status.status_code_sf                  REL 
_pdbx_database_status.status_code_mr                  ? 
_pdbx_database_status.SG_entry                        ? 
_pdbx_database_status.status_code_cs                  ? 
_pdbx_database_status.pdb_format_compatible           Y 
_pdbx_database_status.status_code_nmr_data            ? 
_pdbx_database_status.methods_development_category    ? 
# 
loop_
_pdbx_database_related.db_name 
_pdbx_database_related.db_id 
_pdbx_database_related.details 
_pdbx_database_related.content_type 
PDB 2ON9 'APO VQIVYK'                       unspecified 
PDB 3FQP 'APO VQIVYK (alternate polymorph)' unspecified 
# 
loop_
_audit_author.name 
_audit_author.pdbx_ordinal 
'Landau, M.'    1 
'Eisenberg, D.' 2 
# 
_citation.id                        primary 
_citation.title                     'Towards a pharmacophore for amyloid.' 
_citation.journal_abbrev            'Plos Biol.' 
_citation.journal_volume            9 
_citation.page_first                e1001080 
_citation.page_last                 e1001080 
_citation.year                      2011 
_citation.journal_id_ASTM           ? 
_citation.country                   US 
_citation.journal_id_ISSN           1544-9173 
_citation.journal_id_CSD            ? 
_citation.book_publisher            ? 
_citation.pdbx_database_id_PubMed   21695112 
_citation.pdbx_database_id_DOI      10.1371/journal.pbio.1001080 
# 
loop_
_citation_author.citation_id 
_citation_author.name 
_citation_author.ordinal 
_citation_author.identifier_ORCID 
primary 'Landau, M.'     1 ? 
primary 'Sawaya, M.R.'   2 ? 
primary 'Faull, K.F.'    3 ? 
primary 'Laganowsky, A.' 4 ? 
primary 'Jiang, L.'      5 ? 
primary 'Sievers, S.A.'  6 ? 
primary 'Liu, J.'        7 ? 
primary 'Barrio, J.R.'   8 ? 
primary 'Eisenberg, D.'  9 ? 
# 
loop_
_entity.id 
_entity.type 
_entity.src_method 
_entity.pdbx_description 
_entity.formula_weight 
_entity.pdbx_number_of_molecules 
_entity.pdbx_ec 
_entity.pdbx_mutation 
_entity.pdbx_fragment 
_entity.details 
1 polymer     syn 'Microtubule-associated protein'                                  749.917 1 ? ? 'VQIVYK (residues 306-311)' ? 
2 non-polymer syn 'ZINC ION'                                                        65.409  2 ? ? ?                           ? 
3 non-polymer syn 'ACETIC ACID'                                                     60.052  1 ? ? ?                           ? 
4 non-polymer syn '7-hydroxy-8-[(E)-phenyldiazenyl]naphthalene-1,3-disulfonic acid' 408.406 1 ? ? ?                           ? 
5 water       nat water                                                             18.015  2 ? ? ?                           ? 
# 
_entity_poly.entity_id                      1 
_entity_poly.type                           'polypeptide(L)' 
_entity_poly.nstd_linkage                   no 
_entity_poly.nstd_monomer                   no 
_entity_poly.pdbx_seq_one_letter_code       VQIVYK 
_entity_poly.pdbx_seq_one_letter_code_can   VQIVYK 
_entity_poly.pdbx_strand_id                 A 
_entity_poly.pdbx_target_identifier         ? 
# 
loop_
_pdbx_entity_nonpoly.entity_id 
_pdbx_entity_nonpoly.name 
_pdbx_entity_nonpoly.comp_id 
2 'ZINC ION'                                                        ZN  
3 'ACETIC ACID'                                                     ACY 
4 '7-hydroxy-8-[(E)-phenyldiazenyl]naphthalene-1,3-disulfonic acid' ORA 
5 water                                                             HOH 
# 
loop_
_entity_poly_seq.entity_id 
_entity_poly_seq.num 
_entity_poly_seq.mon_id 
_entity_poly_seq.hetero 
1 1 VAL n 
1 2 GLN n 
1 3 ILE n 
1 4 VAL n 
1 5 TYR n 
1 6 LYS n 
# 
_pdbx_entity_src_syn.entity_id              1 
_pdbx_entity_src_syn.pdbx_src_id            1 
_pdbx_entity_src_syn.pdbx_alt_source_flag   sample 
_pdbx_entity_src_syn.pdbx_beg_seq_num       ? 
_pdbx_entity_src_syn.pdbx_end_seq_num       ? 
_pdbx_entity_src_syn.organism_scientific    ? 
_pdbx_entity_src_syn.organism_common_name   ? 
_pdbx_entity_src_syn.ncbi_taxonomy_id       ? 
_pdbx_entity_src_syn.details                'VQIVYK (residues 306-311) from Tau, synthesized' 
# 
loop_
_chem_comp.id 
_chem_comp.type 
_chem_comp.mon_nstd_flag 
_chem_comp.name 
_chem_comp.pdbx_synonyms 
_chem_comp.formula 
_chem_comp.formula_weight 
ACY non-polymer         . 'ACETIC ACID'                                                     ?          'C2 H4 O2'         60.052  
GLN 'L-peptide linking' y GLUTAMINE                                                         ?          'C5 H10 N2 O3'     146.144 
HOH non-polymer         . WATER                                                             ?          'H2 O'             18.015  
ILE 'L-peptide linking' y ISOLEUCINE                                                        ?          'C6 H13 N O2'      131.173 
LYS 'L-peptide linking' y LYSINE                                                            ?          'C6 H15 N2 O2 1'   147.195 
ORA non-polymer         . '7-hydroxy-8-[(E)-phenyldiazenyl]naphthalene-1,3-disulfonic acid' 'Orange G' 'C16 H12 N2 O7 S2' 408.406 
TYR 'L-peptide linking' y TYROSINE                                                          ?          'C9 H11 N O3'      181.189 
VAL 'L-peptide linking' y VALINE                                                            ?          'C5 H11 N O2'      117.146 
ZN  non-polymer         . 'ZINC ION'                                                        ?          'Zn 2'             65.409  
# 
loop_
_pdbx_poly_seq_scheme.asym_id 
_pdbx_poly_seq_scheme.entity_id 
_pdbx_poly_seq_scheme.seq_id 
_pdbx_poly_seq_scheme.mon_id 
_pdbx_poly_seq_scheme.ndb_seq_num 
_pdbx_poly_seq_scheme.pdb_seq_num 
_pdbx_poly_seq_scheme.auth_seq_num 
_pdbx_poly_seq_scheme.pdb_mon_id 
_pdbx_poly_seq_scheme.auth_mon_id 
_pdbx_poly_seq_scheme.pdb_strand_id 
_pdbx_poly_seq_scheme.pdb_ins_code 
_pdbx_poly_seq_scheme.hetero 
A 1 1 VAL 1 1 1 VAL VAL A . n 
A 1 2 GLN 2 2 2 GLN GLN A . n 
A 1 3 ILE 3 3 3 ILE ILE A . n 
A 1 4 VAL 4 4 4 VAL VAL A . n 
A 1 5 TYR 5 5 5 TYR TYR A . n 
A 1 6 LYS 6 6 6 LYS LYS A . n 
# 
loop_
_pdbx_nonpoly_scheme.asym_id 
_pdbx_nonpoly_scheme.entity_id 
_pdbx_nonpoly_scheme.mon_id 
_pdbx_nonpoly_scheme.ndb_seq_num 
_pdbx_nonpoly_scheme.pdb_seq_num 
_pdbx_nonpoly_scheme.auth_seq_num 
_pdbx_nonpoly_scheme.pdb_mon_id 
_pdbx_nonpoly_scheme.auth_mon_id 
_pdbx_nonpoly_scheme.pdb_strand_id 
_pdbx_nonpoly_scheme.pdb_ins_code 
B 2 ZN  1 7  2  ZN  ZN  A . 
C 2 ZN  1 8  1  ZN  ZN  A . 
D 3 ACY 1 9  1  ACY ACY A . 
E 4 ORA 1 79 79 ORA ORA A . 
F 5 HOH 1 10 1  HOH HOH A . 
F 5 HOH 2 11 2  HOH HOH A . 
# 
loop_
_software.pdbx_ordinal 
_software.name 
_software.version 
_software.date 
_software.type 
_software.contact_author 
_software.contact_author_email 
_software.classification 
_software.location 
_software.language 
_software.citation_id 
1 SCALEPACK   .       ?                          program 'Zbyszek Otwinowski' hkl@hkl-xray.com            'data scaling'    
http://www.hkl-xray.com/                     ?          ? 
2 PHASER      2.1.4   'Wed Jun 24 14:00:05 2009' program 'Randy J. Read'      cimr-phaser@lists.cam.ac.uk phasing           
http://www-structmed.cimr.cam.ac.uk/phaser/  ?          ? 
3 REFMAC      .       ?                          program 'Garib N. Murshudov' garib@ysbl.york.ac.uk       refinement        
http://www.ccp4.ac.uk/dist/html/refmac5.html Fortran_77 ? 
4 PDB_EXTRACT 3.10    'June 10, 2010'            package PDB                  deposit@deposit.rcsb.org    'data extraction' 
http://sw-tools.pdb.org/apps/PDB_EXTRACT/    C++        ? 
5 ADSC        Quantum ?                          ?       ?                    ?                           'data collection' ? ? ? 
6 DENZO       .       ?                          ?       ?                    ?                           'data reduction'  ? ? ? 
# 
_cell.length_a           55.056 
_cell.length_b           4.831 
_cell.length_c           22.127 
_cell.angle_alpha        90.000 
_cell.angle_beta         102.980 
_cell.angle_gamma        90.000 
_cell.entry_id           3OVL 
_cell.pdbx_unique_axis   ? 
_cell.Z_PDB              4 
_cell.length_a_esd       ? 
_cell.length_b_esd       ? 
_cell.length_c_esd       ? 
_cell.angle_alpha_esd    ? 
_cell.angle_beta_esd     ? 
_cell.angle_gamma_esd    ? 
# 
_symmetry.space_group_name_H-M             'C 1 2 1' 
_symmetry.entry_id                         3OVL 
_symmetry.Int_Tables_number                5 
_symmetry.pdbx_full_space_group_name_H-M   ? 
_symmetry.cell_setting                     ? 
_symmetry.space_group_name_Hall            ? 
# 
_exptl.crystals_number   1 
_exptl.entry_id          3OVL 
_exptl.method            'X-RAY DIFFRACTION' 
# 
_exptl_crystal.id                    1 
_exptl_crystal.density_Matthews      1.91 
_exptl_crystal.density_meas          ? 
_exptl_crystal.density_percent_sol   35.66 
_exptl_crystal.description           ? 
_exptl_crystal.F_000                 ? 
_exptl_crystal.preparation           ? 
# 
_exptl_crystal_grow.crystal_id      1 
_exptl_crystal_grow.method          'VAPOR DIFFUSION, HANGING DROP' 
_exptl_crystal_grow.pH              ? 
_exptl_crystal_grow.temp            291 
_exptl_crystal_grow.pdbx_details    
'reservoir contained 0.1M Zinc Acetate dihydrate, 18% PEG 3350, vapor diffusion, hanging drop, temperature 291K' 
_exptl_crystal_grow.temp_details    ? 
_exptl_crystal_grow.pdbx_pH_range   ? 
# 
_diffrn.id                     1 
_diffrn.ambient_temp           100 
_diffrn.ambient_temp_details   ? 
_diffrn.crystal_id             1 
# 
_diffrn_detector.diffrn_id              1 
_diffrn_detector.detector               CCD 
_diffrn_detector.type                   'ADSC QUANTUM 315' 
_diffrn_detector.pdbx_collection_date   2008-11-17 
_diffrn_detector.details                ? 
# 
_diffrn_radiation.diffrn_id                        1 
_diffrn_radiation.pdbx_diffrn_protocol             'SINGLE WAVELENGTH' 
_diffrn_radiation.monochromator                    ? 
_diffrn_radiation.wavelength_id                    1 
_diffrn_radiation.pdbx_monochromatic_or_laue_m_l   M 
_diffrn_radiation.pdbx_scattering_type             x-ray 
# 
_diffrn_radiation_wavelength.id           1 
_diffrn_radiation_wavelength.wavelength   0.9792 
_diffrn_radiation_wavelength.wt           1.0 
# 
_diffrn_source.diffrn_id                   1 
_diffrn_source.source                      SYNCHROTRON 
_diffrn_source.type                        'APS BEAMLINE 24-ID-E' 
_diffrn_source.pdbx_wavelength_list        0.9792 
_diffrn_source.pdbx_wavelength             ? 
_diffrn_source.pdbx_synchrotron_site       APS 
_diffrn_source.pdbx_synchrotron_beamline   24-ID-E 
# 
_reflns.entry_id                     3OVL 
_reflns.d_resolution_high            1.800 
_reflns.d_resolution_low             90.000 
_reflns.number_obs                   587 
_reflns.pdbx_Rmerge_I_obs            0.179 
_reflns.pdbx_netI_over_sigmaI        4.500 
_reflns.pdbx_chi_squared             1.071 
_reflns.pdbx_redundancy              2.400 
_reflns.percent_possible_obs         87.600 
_reflns.observed_criterion_sigma_F   ? 
_reflns.observed_criterion_sigma_I   -3 
_reflns.number_all                   587 
_reflns.pdbx_Rsym_value              ? 
_reflns.B_iso_Wilson_estimate        19.9 
_reflns.R_free_details               ? 
_reflns.limit_h_max                  ? 
_reflns.limit_h_min                  ? 
_reflns.limit_k_max                  ? 
_reflns.limit_k_min                  ? 
_reflns.limit_l_max                  ? 
_reflns.limit_l_min                  ? 
_reflns.observed_criterion_F_max     ? 
_reflns.observed_criterion_F_min     ? 
_reflns.pdbx_scaling_rejects         ? 
_reflns.pdbx_ordinal                 1 
_reflns.pdbx_diffrn_id               1 
# 
loop_
_reflns_shell.d_res_high 
_reflns_shell.d_res_low 
_reflns_shell.number_measured_obs 
_reflns_shell.number_measured_all 
_reflns_shell.number_unique_obs 
_reflns_shell.Rmerge_I_obs 
_reflns_shell.meanI_over_sigI_obs 
_reflns_shell.pdbx_Rsym_value 
_reflns_shell.pdbx_chi_squared 
_reflns_shell.pdbx_redundancy 
_reflns_shell.percent_possible_obs 
_reflns_shell.number_unique_all 
_reflns_shell.percent_possible_all 
_reflns_shell.pdbx_ordinal 
_reflns_shell.pdbx_diffrn_id 
1.800 1.940  ? ? ? 0.433 ? ? 1.077 1.400 ? 88  71.000 1 1 
1.940 2.130  ? ? ? 0.281 ? ? 1.081 1.600 ? 106 79.100 2 1 
2.130 2.440  ? ? ? 0.475 ? ? 1.050 2.700 ? 128 90.100 3 1 
2.440 3.080  ? ? ? 0.350 ? ? 1.065 3.100 ? 112 99.100 4 1 
3.080 90.000 ? ? ? 0.163 ? ? 1.088 2.900 ? 153 97.500 5 1 
# 
_refine.entry_id                                 3OVL 
_refine.ls_d_res_high                            1.8100 
_refine.ls_d_res_low                             26.8200 
_refine.pdbx_ls_sigma_F                          0.000 
_refine.pdbx_data_cutoff_high_absF               ? 
_refine.pdbx_data_cutoff_low_absF                ? 
_refine.ls_percent_reflns_obs                    87.9900 
_refine.ls_number_reflns_obs                     586 
_refine.ls_number_reflns_all                     586 
_refine.pdbx_ls_cross_valid_method               THROUGHOUT 
_refine.pdbx_R_Free_selection_details            RANDOM 
_refine.details                                  
'HYDROGENS HAVE BEEN ADDED IN THE RIDING POSITIONS U VALUES      : REFINED INDIVIDUALLY' 
_refine.ls_R_factor_all                          0.2589 
_refine.ls_R_factor_obs                          0.2589 
_refine.ls_R_factor_R_work                       0.2589 
_refine.ls_wR_factor_R_work                      0.2514 
_refine.ls_R_factor_R_free                       0.2590 
_refine.ls_wR_factor_R_free                      0.3060 
_refine.ls_percent_reflns_R_free                 10.4000 
_refine.ls_number_reflns_R_free                  61 
_refine.ls_R_factor_R_free_error                 ? 
_refine.B_iso_mean                               20.2828 
_refine.solvent_model_param_bsol                 ? 
_refine.solvent_model_param_ksol                 ? 
_refine.pdbx_isotropic_thermal_model             ? 
_refine.aniso_B[1][1]                            -0.6600 
_refine.aniso_B[2][2]                            -0.7000 
_refine.aniso_B[3][3]                            1.2600 
_refine.aniso_B[1][2]                            0.0000 
_refine.aniso_B[1][3]                            -0.2400 
_refine.aniso_B[2][3]                            0.0000 
_refine.correlation_coeff_Fo_to_Fc               0.9180 
_refine.correlation_coeff_Fo_to_Fc_free          0.9640 
_refine.overall_SU_R_Cruickshank_DPI             0.3608 
_refine.overall_SU_R_free                        0.2072 
_refine.pdbx_overall_ESU_R_Free                  0.2070 
_refine.overall_SU_ML                            0.1630 
_refine.overall_SU_B                             5.9190 
_refine.solvent_model_details                    MASK 
_refine.pdbx_solvent_vdw_probe_radii             1.4000 
_refine.pdbx_solvent_ion_probe_radii             0.8000 
_refine.pdbx_solvent_shrinkage_radii             0.8000 
_refine.ls_number_parameters                     ? 
_refine.ls_number_restraints                     ? 
_refine.pdbx_starting_model                      ? 
_refine.pdbx_method_to_determine_struct          'MOLECULAR REPLACEMENT' 
_refine.pdbx_stereochemistry_target_values       'MAXIMUM LIKELIHOOD' 
_refine.pdbx_stereochem_target_val_spec_case     ? 
_refine.overall_FOM_work_R_set                   0.7697 
_refine.B_iso_max                                36.920 
_refine.B_iso_min                                6.300 
_refine.occupancy_max                            1.000 
_refine.occupancy_min                            0.250 
_refine.pdbx_ls_sigma_I                          ? 
_refine.ls_redundancy_reflns_obs                 ? 
_refine.ls_R_factor_R_free_error_details         ? 
_refine.pdbx_data_cutoff_high_rms_absF           ? 
_refine.overall_FOM_free_R_set                   ? 
_refine.pdbx_overall_phase_error                 ? 
_refine.pdbx_refine_id                           'X-RAY DIFFRACTION' 
_refine.pdbx_overall_ESU_R                       ? 
_refine.pdbx_diffrn_id                           1 
_refine.pdbx_TLS_residual_ADP_flag               ? 
_refine.pdbx_overall_SU_R_free_Cruickshank_DPI   ? 
_refine.pdbx_overall_SU_R_Blow_DPI               ? 
_refine.pdbx_overall_SU_R_free_Blow_DPI          ? 
# 
_refine_hist.pdbx_refine_id                   'X-RAY DIFFRACTION' 
_refine_hist.cycle_id                         LAST 
_refine_hist.pdbx_number_atoms_protein        53 
_refine_hist.pdbx_number_atoms_nucleic_acid   0 
_refine_hist.pdbx_number_atoms_ligand         33 
_refine_hist.number_atoms_solvent             2 
_refine_hist.number_atoms_total               88 
_refine_hist.d_res_high                       1.8100 
_refine_hist.d_res_low                        26.8200 
# 
loop_
_refine_ls_restr.type 
_refine_ls_restr.number 
_refine_ls_restr.dev_ideal 
_refine_ls_restr.dev_ideal_target 
_refine_ls_restr.weight 
_refine_ls_restr.pdbx_refine_id 
_refine_ls_restr.pdbx_restraint_function 
r_bond_refined_d       85  0.011  0.022  ? 'X-RAY DIFFRACTION' ? 
r_bond_other_d         44  0.005  0.020  ? 'X-RAY DIFFRACTION' ? 
r_angle_refined_deg    118 1.220  2.402  ? 'X-RAY DIFFRACTION' ? 
r_angle_other_deg      104 0.627  3.000  ? 'X-RAY DIFFRACTION' ? 
r_dihedral_angle_1_deg 5   6.501  5.000  ? 'X-RAY DIFFRACTION' ? 
r_dihedral_angle_2_deg 2   39.537 25.000 ? 'X-RAY DIFFRACTION' ? 
r_dihedral_angle_3_deg 11  8.441  15.000 ? 'X-RAY DIFFRACTION' ? 
r_chiral_restr         11  0.080  0.200  ? 'X-RAY DIFFRACTION' ? 
r_gen_planes_refined   80  0.003  0.020  ? 'X-RAY DIFFRACTION' ? 
r_gen_planes_other     18  0.000  0.020  ? 'X-RAY DIFFRACTION' ? 
r_mcbond_it            33  1.089  1.500  ? 'X-RAY DIFFRACTION' ? 
r_mcbond_other         11  0.410  1.500  ? 'X-RAY DIFFRACTION' ? 
r_mcangle_it           52  1.640  2.000  ? 'X-RAY DIFFRACTION' ? 
r_scbond_it            52  2.252  3.000  ? 'X-RAY DIFFRACTION' ? 
r_scangle_it           66  3.319  4.500  ? 'X-RAY DIFFRACTION' ? 
# 
_refine_ls_shell.d_res_high                       1.8050 
_refine_ls_shell.d_res_low                        2.0170 
_refine_ls_shell.pdbx_total_number_of_bins_used   5 
_refine_ls_shell.percent_reflns_obs               76.3700 
_refine_ls_shell.number_reflns_R_work             118 
_refine_ls_shell.R_factor_all                     ? 
_refine_ls_shell.R_factor_R_work                  0.3770 
_refine_ls_shell.R_factor_R_free                  0.4480 
_refine_ls_shell.percent_reflns_R_free            ? 
_refine_ls_shell.number_reflns_R_free             21 
_refine_ls_shell.R_factor_R_free_error            ? 
_refine_ls_shell.number_reflns_all                139 
_refine_ls_shell.number_reflns_obs                ? 
_refine_ls_shell.redundancy_reflns_obs            ? 
_refine_ls_shell.pdbx_refine_id                   'X-RAY DIFFRACTION' 
# 
_struct.entry_id                  3OVL 
_struct.title                     'Structure of an amyloid forming peptide VQIVYK from the TAU protein in complex with orange G' 
_struct.pdbx_model_details        ? 
_struct.pdbx_CASP_flag            ? 
_struct.pdbx_model_type_details   ? 
# 
_struct_keywords.entry_id        3OVL 
_struct_keywords.text            'amyloid-like protofibril in complex with a small-molecule binder, PROTEIN FIBRIL' 
_struct_keywords.pdbx_keywords   'PROTEIN FIBRIL' 
# 
loop_
_struct_asym.id 
_struct_asym.pdbx_blank_PDB_chainid_flag 
_struct_asym.pdbx_modified 
_struct_asym.entity_id 
_struct_asym.details 
A N N 1 ? 
B N N 2 ? 
C N N 2 ? 
D N N 3 ? 
E N N 4 ? 
F N N 5 ? 
# 
_struct_ref.id                         1 
_struct_ref.db_name                    UNP 
_struct_ref.db_code                    TAU_HUMAN 
_struct_ref.pdbx_db_accession          P10636 
_struct_ref.entity_id                  1 
_struct_ref.pdbx_seq_one_letter_code   VQIVYK 
_struct_ref.pdbx_align_begin           623 
_struct_ref.pdbx_db_isoform            ? 
# 
_struct_ref_seq.align_id                      1 
_struct_ref_seq.ref_id                        1 
_struct_ref_seq.pdbx_PDB_id_code              3OVL 
_struct_ref_seq.pdbx_strand_id                A 
_struct_ref_seq.seq_align_beg                 1 
_struct_ref_seq.pdbx_seq_align_beg_ins_code   ? 
_struct_ref_seq.seq_align_end                 6 
_struct_ref_seq.pdbx_seq_align_end_ins_code   ? 
_struct_ref_seq.pdbx_db_accession             P10636 
_struct_ref_seq.db_align_beg                  623 
_struct_ref_seq.pdbx_db_align_beg_ins_code    ? 
_struct_ref_seq.db_align_end                  628 
_struct_ref_seq.pdbx_db_align_end_ins_code    ? 
_struct_ref_seq.pdbx_auth_seq_align_beg       1 
_struct_ref_seq.pdbx_auth_seq_align_end       6 
# 
_pdbx_struct_assembly.id                   1 
_pdbx_struct_assembly.details              author_defined_assembly 
_pdbx_struct_assembly.method_details       ? 
_pdbx_struct_assembly.oligomeric_details   hexameric 
_pdbx_struct_assembly.oligomeric_count     6 
# 
_pdbx_struct_assembly_gen.assembly_id       1 
_pdbx_struct_assembly_gen.oper_expression   1,2,3,4,5,6 
_pdbx_struct_assembly_gen.asym_id_list      A,B,C,D,E,F 
# 
loop_
_pdbx_struct_oper_list.id 
_pdbx_struct_oper_list.type 
_pdbx_struct_oper_list.name 
_pdbx_struct_oper_list.symmetry_operation 
_pdbx_struct_oper_list.matrix[1][1] 
_pdbx_struct_oper_list.matrix[1][2] 
_pdbx_struct_oper_list.matrix[1][3] 
_pdbx_struct_oper_list.vector[1] 
_pdbx_struct_oper_list.matrix[2][1] 
_pdbx_struct_oper_list.matrix[2][2] 
_pdbx_struct_oper_list.matrix[2][3] 
_pdbx_struct_oper_list.vector[2] 
_pdbx_struct_oper_list.matrix[3][1] 
_pdbx_struct_oper_list.matrix[3][2] 
_pdbx_struct_oper_list.matrix[3][3] 
_pdbx_struct_oper_list.vector[3] 
1 'identity operation'         1_555 x,y,z           1.0000000000  0.0000000000 0.0000000000 0.0000000000  0.0000000000 1.0000000000 0.0000000000 0.0000000000  0.0000000000 0.0000000000 1.0000000000  0.0000000000   
2 'crystal symmetry operation' 1_565 x,y+1,z         1.0000000000  0.0000000000 0.0000000000 -2.1268546101 0.0000000000 1.0000000000 0.0000000000 -3.9206970052 0.0000000000 0.0000000000 1.0000000000  -1.8555822431  
3 'crystal symmetry operation' 1_575 x,y+2,z         1.0000000000  0.0000000000 0.0000000000 -4.2537092202 0.0000000000 1.0000000000 0.0000000000 -7.8413940104 0.0000000000 0.0000000000 1.0000000000  -3.7111644862  
4 'crystal symmetry operation' 4_455 -x-1/2,y+1/2,-z -0.6123573743 0.7145901155 0.3382002556 -2.1875149983 0.7145901155 0.3172932990 0.6234468135 4.5454606894  0.3382002556 0.6234468135 -0.7049359246 -13.3856251028 
5 'crystal symmetry operation' 4_465 -x-1/2,y+3/2,-z -0.6123573743 0.7145901155 0.3382002556 -4.3143696084 0.7145901155 0.3172932990 0.6234468135 0.6247636842  0.3382002556 0.6234468135 -0.7049359246 -15.2412073459 
6 'crystal symmetry operation' 4_475 -x-1/2,y+5/2,-z -0.6123573743 0.7145901155 0.3382002556 -6.4412242185 0.7145901155 0.3172932990 0.6234468135 -3.2959333210 0.3382002556 0.6234468135 -0.7049359246 -17.0967895889 
# 
_struct_biol.id        1 
_struct_biol.details   
;The biological unit is a pair of beta sheets with orange G interrelating between two pairs of sheets. One sheet is constructed from chain A and unit cell translations along the b direction (i.e. X,Y+1,Z; X,Y+2,Z; X,Y+3,Z, etc.). The second sheet is constructed from -X-1/2,1/2+Y,-Z;-X-1/2,3/2+Y,-Z;-X-1/2,5/2+Y,-Z; etc. The other pairs of sheets will be contracted from -X,Y,-Z+1, -X,Y+1,-Z+1,-X,Y+2,-Z+1; etc. and from X+1/2,1/2+Y,Z+1, X+1/2,3/2+Y,Z+1, X+1/2,5/2+Y,Z+1; etc.
;
# 
loop_
_struct_conn.id 
_struct_conn.conn_type_id 
_struct_conn.pdbx_leaving_atom_flag 
_struct_conn.pdbx_PDB_id 
_struct_conn.ptnr1_label_asym_id 
_struct_conn.ptnr1_label_comp_id 
_struct_conn.ptnr1_label_seq_id 
_struct_conn.ptnr1_label_atom_id 
_struct_conn.pdbx_ptnr1_label_alt_id 
_struct_conn.pdbx_ptnr1_PDB_ins_code 
_struct_conn.pdbx_ptnr1_standard_comp_id 
_struct_conn.ptnr1_symmetry 
_struct_conn.ptnr2_label_asym_id 
_struct_conn.ptnr2_label_comp_id 
_struct_conn.ptnr2_label_seq_id 
_struct_conn.ptnr2_label_atom_id 
_struct_conn.pdbx_ptnr2_label_alt_id 
_struct_conn.pdbx_ptnr2_PDB_ins_code 
_struct_conn.ptnr1_auth_asym_id 
_struct_conn.ptnr1_auth_comp_id 
_struct_conn.ptnr1_auth_seq_id 
_struct_conn.ptnr2_auth_asym_id 
_struct_conn.ptnr2_auth_comp_id 
_struct_conn.ptnr2_auth_seq_id 
_struct_conn.ptnr2_symmetry 
_struct_conn.pdbx_ptnr3_label_atom_id 
_struct_conn.pdbx_ptnr3_label_seq_id 
_struct_conn.pdbx_ptnr3_label_comp_id 
_struct_conn.pdbx_ptnr3_label_asym_id 
_struct_conn.pdbx_ptnr3_label_alt_id 
_struct_conn.pdbx_ptnr3_PDB_ins_code 
_struct_conn.details 
_struct_conn.pdbx_dist_value 
_struct_conn.pdbx_value_order 
_struct_conn.pdbx_role 
metalc1 metalc ? ? A LYS 6 NZ ? ? ? 1_555 B ZN  . ZN  ? ? A LYS 6 A ZN  7  1_555 ? ? ? ? ? ? ? 2.692 ? ? 
metalc2 metalc ? ? A LYS 6 O  ? ? ? 1_555 C ZN  . ZN  ? ? A LYS 6 A ZN  8  1_555 ? ? ? ? ? ? ? 2.013 ? ? 
metalc3 metalc ? ? B ZN  . ZN ? ? ? 1_555 E ORA . O4  ? ? A ZN  7 A ORA 79 1_555 ? ? ? ? ? ? ? 2.258 ? ? 
metalc4 metalc ? ? B ZN  . ZN ? ? ? 1_555 E ORA . S1  ? ? A ZN  7 A ORA 79 1_555 ? ? ? ? ? ? ? 2.897 ? ? 
metalc5 metalc ? ? C ZN  . ZN ? ? ? 1_555 D ACY . OXT ? ? A ZN  8 A ACY 9  1_555 ? ? ? ? ? ? ? 1.884 ? ? 
# 
_struct_conn_type.id          metalc 
_struct_conn_type.criteria    ? 
_struct_conn_type.reference   ? 
# 
loop_
_pdbx_struct_conn_angle.id 
_pdbx_struct_conn_angle.ptnr1_label_atom_id 
_pdbx_struct_conn_angle.ptnr1_label_alt_id 
_pdbx_struct_conn_angle.ptnr1_label_asym_id 
_pdbx_struct_conn_angle.ptnr1_label_comp_id 
_pdbx_struct_conn_angle.ptnr1_label_seq_id 
_pdbx_struct_conn_angle.ptnr1_auth_atom_id 
_pdbx_struct_conn_angle.ptnr1_auth_asym_id 
_pdbx_struct_conn_angle.ptnr1_auth_comp_id 
_pdbx_struct_conn_angle.ptnr1_auth_seq_id 
_pdbx_struct_conn_angle.ptnr1_PDB_ins_code 
_pdbx_struct_conn_angle.ptnr1_symmetry 
_pdbx_struct_conn_angle.ptnr2_label_atom_id 
_pdbx_struct_conn_angle.ptnr2_label_alt_id 
_pdbx_struct_conn_angle.ptnr2_label_asym_id 
_pdbx_struct_conn_angle.ptnr2_label_comp_id 
_pdbx_struct_conn_angle.ptnr2_label_seq_id 
_pdbx_struct_conn_angle.ptnr2_auth_atom_id 
_pdbx_struct_conn_angle.ptnr2_auth_asym_id 
_pdbx_struct_conn_angle.ptnr2_auth_comp_id 
_pdbx_struct_conn_angle.ptnr2_auth_seq_id 
_pdbx_struct_conn_angle.ptnr2_PDB_ins_code 
_pdbx_struct_conn_angle.ptnr2_symmetry 
_pdbx_struct_conn_angle.ptnr3_label_atom_id 
_pdbx_struct_conn_angle.ptnr3_label_alt_id 
_pdbx_struct_conn_angle.ptnr3_label_asym_id 
_pdbx_struct_conn_angle.ptnr3_label_comp_id 
_pdbx_struct_conn_angle.ptnr3_label_seq_id 
_pdbx_struct_conn_angle.ptnr3_auth_atom_id 
_pdbx_struct_conn_angle.ptnr3_auth_asym_id 
_pdbx_struct_conn_angle.ptnr3_auth_comp_id 
_pdbx_struct_conn_angle.ptnr3_auth_seq_id 
_pdbx_struct_conn_angle.ptnr3_PDB_ins_code 
_pdbx_struct_conn_angle.ptnr3_symmetry 
_pdbx_struct_conn_angle.value 
_pdbx_struct_conn_angle.value_esd 
1 NZ ? A LYS 6 ? A LYS 6  ? 1_555 ZN ? B ZN . ? A ZN 7 ? 1_555 O4  ? E ORA . ? A ORA 79 ? 1_555 89.8  ? 
2 NZ ? A LYS 6 ? A LYS 6  ? 1_555 ZN ? B ZN . ? A ZN 7 ? 1_555 S1  ? E ORA . ? A ORA 79 ? 1_555 111.1 ? 
3 O4 ? E ORA . ? A ORA 79 ? 1_555 ZN ? B ZN . ? A ZN 7 ? 1_555 S1  ? E ORA . ? A ORA 79 ? 1_555 30.0  ? 
4 O  ? A LYS 6 ? A LYS 6  ? 1_555 ZN ? C ZN . ? A ZN 8 ? 1_555 OXT ? D ACY . ? A ACY 9  ? 1_555 103.0 ? 
# 
loop_
_struct_site.id 
_struct_site.pdbx_evidence_code 
_struct_site.pdbx_auth_asym_id 
_struct_site.pdbx_auth_comp_id 
_struct_site.pdbx_auth_seq_id 
_struct_site.pdbx_auth_ins_code 
_struct_site.pdbx_num_residues 
_struct_site.details 
AC1 Software A ZN  7  ? 10 'BINDING SITE FOR RESIDUE ZN A 7'   
AC2 Software A ZN  8  ? 4  'BINDING SITE FOR RESIDUE ZN A 8'   
AC3 Software A ACY 9  ? 6  'BINDING SITE FOR RESIDUE ACY A 9'  
AC4 Software A ORA 79 ? 17 'BINDING SITE FOR RESIDUE ORA A 79' 
# 
loop_
_struct_site_gen.id 
_struct_site_gen.site_id 
_struct_site_gen.pdbx_num_res 
_struct_site_gen.label_comp_id 
_struct_site_gen.label_asym_id 
_struct_site_gen.label_seq_id 
_struct_site_gen.pdbx_auth_ins_code 
_struct_site_gen.auth_comp_id 
_struct_site_gen.auth_asym_id 
_struct_site_gen.auth_seq_id 
_struct_site_gen.label_atom_id 
_struct_site_gen.label_alt_id 
_struct_site_gen.symmetry 
_struct_site_gen.details 
1  AC1 10 LYS A 6 ? LYS A 6  . ? 1_545 ? 
2  AC1 10 LYS A 6 ? LYS A 6  . ? 1_555 ? 
3  AC1 10 LYS A 6 ? LYS A 6  . ? 2_556 ? 
4  AC1 10 LYS A 6 ? LYS A 6  . ? 2_546 ? 
5  AC1 10 ORA E . ? ORA A 79 . ? 1_565 ? 
6  AC1 10 ORA E . ? ORA A 79 . ? 2_556 ? 
7  AC1 10 ORA E . ? ORA A 79 . ? 2_546 ? 
8  AC1 10 ORA E . ? ORA A 79 . ? 2_566 ? 
9  AC1 10 ORA E . ? ORA A 79 . ? 1_555 ? 
10 AC1 10 ORA E . ? ORA A 79 . ? 1_545 ? 
11 AC2 4  VAL A 1 ? VAL A 1  . ? 1_556 ? 
12 AC2 4  LYS A 6 ? LYS A 6  . ? 1_555 ? 
13 AC2 4  ACY D . ? ACY A 9  . ? 1_555 ? 
14 AC2 4  ACY D . ? ACY A 9  . ? 1_545 ? 
15 AC3 6  VAL A 1 ? VAL A 1  . ? 1_566 ? 
16 AC3 6  VAL A 1 ? VAL A 1  . ? 1_556 ? 
17 AC3 6  LYS A 6 ? LYS A 6  . ? 1_565 ? 
18 AC3 6  LYS A 6 ? LYS A 6  . ? 1_555 ? 
19 AC3 6  ZN  C . ? ZN  A 8  . ? 1_565 ? 
20 AC3 6  ZN  C . ? ZN  A 8  . ? 1_555 ? 
21 AC4 17 GLN A 2 ? GLN A 2  . ? 1_565 ? 
22 AC4 17 GLN A 2 ? GLN A 2  . ? 1_575 ? 
23 AC4 17 GLN A 2 ? GLN A 2  . ? 1_555 ? 
24 AC4 17 VAL A 4 ? VAL A 4  . ? 1_565 ? 
25 AC4 17 VAL A 4 ? VAL A 4  . ? 1_555 ? 
26 AC4 17 VAL A 4 ? VAL A 4  . ? 1_545 ? 
27 AC4 17 LYS A 6 ? LYS A 6  . ? 1_555 ? 
28 AC4 17 LYS A 6 ? LYS A 6  . ? 2_556 ? 
29 AC4 17 LYS A 6 ? LYS A 6  . ? 2_566 ? 
30 AC4 17 LYS A 6 ? LYS A 6  . ? 1_545 ? 
31 AC4 17 LYS A 6 ? LYS A 6  . ? 2_546 ? 
32 AC4 17 ZN  B . ? ZN  A 7  . ? 2_546 ? 
33 AC4 17 ZN  B . ? ZN  A 7  . ? 1_545 ? 
34 AC4 17 ZN  B . ? ZN  A 7  . ? 2_556 ? 
35 AC4 17 ZN  B . ? ZN  A 7  . ? 1_555 ? 
36 AC4 17 ZN  B . ? ZN  A 7  . ? 2_566 ? 
37 AC4 17 ZN  B . ? ZN  A 7  . ? 1_565 ? 
# 
_pdbx_struct_special_symmetry.id              1 
_pdbx_struct_special_symmetry.PDB_model_num   1 
_pdbx_struct_special_symmetry.auth_asym_id    A 
_pdbx_struct_special_symmetry.auth_comp_id    ZN 
_pdbx_struct_special_symmetry.auth_seq_id     7 
_pdbx_struct_special_symmetry.PDB_ins_code    ? 
_pdbx_struct_special_symmetry.label_asym_id   B 
_pdbx_struct_special_symmetry.label_comp_id   ZN 
_pdbx_struct_special_symmetry.label_seq_id    . 
# 
_pdbx_phasing_MR.entry_id                     3OVL 
_pdbx_phasing_MR.method_rotation              ? 
_pdbx_phasing_MR.method_translation           ? 
_pdbx_phasing_MR.model_details                'Phaser MODE: MR_AUTO' 
_pdbx_phasing_MR.R_factor                     ? 
_pdbx_phasing_MR.R_rigid_body                 ? 
_pdbx_phasing_MR.correlation_coeff_Fo_to_Fc   ? 
_pdbx_phasing_MR.correlation_coeff_Io_to_Ic   ? 
_pdbx_phasing_MR.d_res_high_rotation          1.800 
_pdbx_phasing_MR.d_res_low_rotation           26.820 
_pdbx_phasing_MR.d_res_high_translation       1.800 
_pdbx_phasing_MR.d_res_low_translation        26.820 
_pdbx_phasing_MR.packing                      ? 
_pdbx_phasing_MR.reflns_percent_rotation      ? 
_pdbx_phasing_MR.reflns_percent_translation   ? 
_pdbx_phasing_MR.sigma_F_rotation             ? 
_pdbx_phasing_MR.sigma_F_translation          ? 
_pdbx_phasing_MR.sigma_I_rotation             ? 
_pdbx_phasing_MR.sigma_I_translation          ? 
# 
_phasing.method   MR 
# 
loop_
_chem_comp_atom.comp_id 
_chem_comp_atom.atom_id 
_chem_comp_atom.type_symbol 
_chem_comp_atom.pdbx_aromatic_flag 
_chem_comp_atom.pdbx_stereo_config 
_chem_comp_atom.pdbx_ordinal 
ACY C    C  N N 1   
ACY O    O  N N 2   
ACY OXT  O  N N 3   
ACY CH3  C  N N 4   
ACY HXT  H  N N 5   
ACY H1   H  N N 6   
ACY H2   H  N N 7   
ACY H3   H  N N 8   
GLN N    N  N N 9   
GLN CA   C  N S 10  
GLN C    C  N N 11  
GLN O    O  N N 12  
GLN CB   C  N N 13  
GLN CG   C  N N 14  
GLN CD   C  N N 15  
GLN OE1  O  N N 16  
GLN NE2  N  N N 17  
GLN OXT  O  N N 18  
GLN H    H  N N 19  
GLN H2   H  N N 20  
GLN HA   H  N N 21  
GLN HB2  H  N N 22  
GLN HB3  H  N N 23  
GLN HG2  H  N N 24  
GLN HG3  H  N N 25  
GLN HE21 H  N N 26  
GLN HE22 H  N N 27  
GLN HXT  H  N N 28  
HOH O    O  N N 29  
HOH H1   H  N N 30  
HOH H2   H  N N 31  
ILE N    N  N N 32  
ILE CA   C  N S 33  
ILE C    C  N N 34  
ILE O    O  N N 35  
ILE CB   C  N S 36  
ILE CG1  C  N N 37  
ILE CG2  C  N N 38  
ILE CD1  C  N N 39  
ILE OXT  O  N N 40  
ILE H    H  N N 41  
ILE H2   H  N N 42  
ILE HA   H  N N 43  
ILE HB   H  N N 44  
ILE HG12 H  N N 45  
ILE HG13 H  N N 46  
ILE HG21 H  N N 47  
ILE HG22 H  N N 48  
ILE HG23 H  N N 49  
ILE HD11 H  N N 50  
ILE HD12 H  N N 51  
ILE HD13 H  N N 52  
ILE HXT  H  N N 53  
LYS N    N  N N 54  
LYS CA   C  N S 55  
LYS C    C  N N 56  
LYS O    O  N N 57  
LYS CB   C  N N 58  
LYS CG   C  N N 59  
LYS CD   C  N N 60  
LYS CE   C  N N 61  
LYS NZ   N  N N 62  
LYS OXT  O  N N 63  
LYS H    H  N N 64  
LYS H2   H  N N 65  
LYS HA   H  N N 66  
LYS HB2  H  N N 67  
LYS HB3  H  N N 68  
LYS HG2  H  N N 69  
LYS HG3  H  N N 70  
LYS HD2  H  N N 71  
LYS HD3  H  N N 72  
LYS HE2  H  N N 73  
LYS HE3  H  N N 74  
LYS HZ1  H  N N 75  
LYS HZ2  H  N N 76  
LYS HZ3  H  N N 77  
LYS HXT  H  N N 78  
ORA C1   C  Y N 79  
ORA N1   N  N N 80  
ORA O1   O  N N 81  
ORA S1   S  N N 82  
ORA C2   C  Y N 83  
ORA N2   N  N N 84  
ORA O2   O  N N 85  
ORA S2   S  N N 86  
ORA C3   C  Y N 87  
ORA O3   O  N N 88  
ORA C4   C  Y N 89  
ORA O4   O  N N 90  
ORA C5   C  Y N 91  
ORA O5   O  N N 92  
ORA C6   C  Y N 93  
ORA O6   O  N N 94  
ORA C7   C  Y N 95  
ORA O7   O  N N 96  
ORA C8   C  Y N 97  
ORA C9   C  Y N 98  
ORA C10  C  Y N 99  
ORA C11  C  Y N 100 
ORA C12  C  Y N 101 
ORA C13  C  Y N 102 
ORA C14  C  Y N 103 
ORA C15  C  Y N 104 
ORA C16  C  Y N 105 
ORA H1   H  N N 106 
ORA H2   H  N N 107 
ORA H3   H  N N 108 
ORA H4   H  N N 109 
ORA H5   H  N N 110 
ORA H6   H  N N 111 
ORA H7   H  N N 112 
ORA HO7  H  N N 113 
ORA H8   H  N N 114 
ORA H9   H  N N 115 
ORA H11  H  N N 116 
ORA H12  H  N N 117 
TYR N    N  N N 118 
TYR CA   C  N S 119 
TYR C    C  N N 120 
TYR O    O  N N 121 
TYR CB   C  N N 122 
TYR CG   C  Y N 123 
TYR CD1  C  Y N 124 
TYR CD2  C  Y N 125 
TYR CE1  C  Y N 126 
TYR CE2  C  Y N 127 
TYR CZ   C  Y N 128 
TYR OH   O  N N 129 
TYR OXT  O  N N 130 
TYR H    H  N N 131 
TYR H2   H  N N 132 
TYR HA   H  N N 133 
TYR HB2  H  N N 134 
TYR HB3  H  N N 135 
TYR HD1  H  N N 136 
TYR HD2  H  N N 137 
TYR HE1  H  N N 138 
TYR HE2  H  N N 139 
TYR HH   H  N N 140 
TYR HXT  H  N N 141 
VAL N    N  N N 142 
VAL CA   C  N S 143 
VAL C    C  N N 144 
VAL O    O  N N 145 
VAL CB   C  N N 146 
VAL CG1  C  N N 147 
VAL CG2  C  N N 148 
VAL OXT  O  N N 149 
VAL H    H  N N 150 
VAL H2   H  N N 151 
VAL HA   H  N N 152 
VAL HB   H  N N 153 
VAL HG11 H  N N 154 
VAL HG12 H  N N 155 
VAL HG13 H  N N 156 
VAL HG21 H  N N 157 
VAL HG22 H  N N 158 
VAL HG23 H  N N 159 
VAL HXT  H  N N 160 
ZN  ZN   ZN N N 161 
# 
loop_
_chem_comp_bond.comp_id 
_chem_comp_bond.atom_id_1 
_chem_comp_bond.atom_id_2 
_chem_comp_bond.value_order 
_chem_comp_bond.pdbx_aromatic_flag 
_chem_comp_bond.pdbx_stereo_config 
_chem_comp_bond.pdbx_ordinal 
ACY C   O    doub N N 1   
ACY C   OXT  sing N N 2   
ACY C   CH3  sing N N 3   
ACY OXT HXT  sing N N 4   
ACY CH3 H1   sing N N 5   
ACY CH3 H2   sing N N 6   
ACY CH3 H3   sing N N 7   
GLN N   CA   sing N N 8   
GLN N   H    sing N N 9   
GLN N   H2   sing N N 10  
GLN CA  C    sing N N 11  
GLN CA  CB   sing N N 12  
GLN CA  HA   sing N N 13  
GLN C   O    doub N N 14  
GLN C   OXT  sing N N 15  
GLN CB  CG   sing N N 16  
GLN CB  HB2  sing N N 17  
GLN CB  HB3  sing N N 18  
GLN CG  CD   sing N N 19  
GLN CG  HG2  sing N N 20  
GLN CG  HG3  sing N N 21  
GLN CD  OE1  doub N N 22  
GLN CD  NE2  sing N N 23  
GLN NE2 HE21 sing N N 24  
GLN NE2 HE22 sing N N 25  
GLN OXT HXT  sing N N 26  
HOH O   H1   sing N N 27  
HOH O   H2   sing N N 28  
ILE N   CA   sing N N 29  
ILE N   H    sing N N 30  
ILE N   H2   sing N N 31  
ILE CA  C    sing N N 32  
ILE CA  CB   sing N N 33  
ILE CA  HA   sing N N 34  
ILE C   O    doub N N 35  
ILE C   OXT  sing N N 36  
ILE CB  CG1  sing N N 37  
ILE CB  CG2  sing N N 38  
ILE CB  HB   sing N N 39  
ILE CG1 CD1  sing N N 40  
ILE CG1 HG12 sing N N 41  
ILE CG1 HG13 sing N N 42  
ILE CG2 HG21 sing N N 43  
ILE CG2 HG22 sing N N 44  
ILE CG2 HG23 sing N N 45  
ILE CD1 HD11 sing N N 46  
ILE CD1 HD12 sing N N 47  
ILE CD1 HD13 sing N N 48  
ILE OXT HXT  sing N N 49  
LYS N   CA   sing N N 50  
LYS N   H    sing N N 51  
LYS N   H2   sing N N 52  
LYS CA  C    sing N N 53  
LYS CA  CB   sing N N 54  
LYS CA  HA   sing N N 55  
LYS C   O    doub N N 56  
LYS C   OXT  sing N N 57  
LYS CB  CG   sing N N 58  
LYS CB  HB2  sing N N 59  
LYS CB  HB3  sing N N 60  
LYS CG  CD   sing N N 61  
LYS CG  HG2  sing N N 62  
LYS CG  HG3  sing N N 63  
LYS CD  CE   sing N N 64  
LYS CD  HD2  sing N N 65  
LYS CD  HD3  sing N N 66  
LYS CE  NZ   sing N N 67  
LYS CE  HE2  sing N N 68  
LYS CE  HE3  sing N N 69  
LYS NZ  HZ1  sing N N 70  
LYS NZ  HZ2  sing N N 71  
LYS NZ  HZ3  sing N N 72  
LYS OXT HXT  sing N N 73  
ORA C1  C2   doub Y N 74  
ORA C1  C3   sing Y N 75  
ORA C1  H1   sing N N 76  
ORA N1  N2   doub N N 77  
ORA N1  C12  sing N N 78  
ORA O1  S1   sing N N 79  
ORA S1  O3   doub N N 80  
ORA S1  O4   doub N N 81  
ORA S1  C15  sing N N 82  
ORA C2  C5   sing Y N 83  
ORA C2  H2   sing N N 84  
ORA N2  C13  sing N N 85  
ORA O2  S2   sing N N 86  
ORA S2  O5   doub N N 87  
ORA S2  O6   doub N N 88  
ORA S2  C16  sing N N 89  
ORA C3  C6   doub Y N 90  
ORA C3  H3   sing N N 91  
ORA C4  C7   doub Y N 92  
ORA C4  C10  sing Y N 93  
ORA C4  H4   sing N N 94  
ORA C5  C12  doub Y N 95  
ORA C5  H5   sing N N 96  
ORA C6  C12  sing Y N 97  
ORA C6  H6   sing N N 98  
ORA C7  C14  sing Y N 99  
ORA C7  H7   sing N N 100 
ORA O7  C14  sing N N 101 
ORA O7  HO7  sing N N 102 
ORA C8  C10  doub Y N 103 
ORA C8  C15  sing Y N 104 
ORA C8  H8   sing N N 105 
ORA C9  C15  doub Y N 106 
ORA C9  C16  sing Y N 107 
ORA C9  H9   sing N N 108 
ORA C10 C11  sing Y N 109 
ORA C11 C13  sing Y N 110 
ORA C11 C16  doub Y N 111 
ORA C13 C14  doub Y N 112 
ORA O1  H11  sing N N 113 
ORA O2  H12  sing N N 114 
TYR N   CA   sing N N 115 
TYR N   H    sing N N 116 
TYR N   H2   sing N N 117 
TYR CA  C    sing N N 118 
TYR CA  CB   sing N N 119 
TYR CA  HA   sing N N 120 
TYR C   O    doub N N 121 
TYR C   OXT  sing N N 122 
TYR CB  CG   sing N N 123 
TYR CB  HB2  sing N N 124 
TYR CB  HB3  sing N N 125 
TYR CG  CD1  doub Y N 126 
TYR CG  CD2  sing Y N 127 
TYR CD1 CE1  sing Y N 128 
TYR CD1 HD1  sing N N 129 
TYR CD2 CE2  doub Y N 130 
TYR CD2 HD2  sing N N 131 
TYR CE1 CZ   doub Y N 132 
TYR CE1 HE1  sing N N 133 
TYR CE2 CZ   sing Y N 134 
TYR CE2 HE2  sing N N 135 
TYR CZ  OH   sing N N 136 
TYR OH  HH   sing N N 137 
TYR OXT HXT  sing N N 138 
VAL N   CA   sing N N 139 
VAL N   H    sing N N 140 
VAL N   H2   sing N N 141 
VAL CA  C    sing N N 142 
VAL CA  CB   sing N N 143 
VAL CA  HA   sing N N 144 
VAL C   O    doub N N 145 
VAL C   OXT  sing N N 146 
VAL CB  CG1  sing N N 147 
VAL CB  CG2  sing N N 148 
VAL CB  HB   sing N N 149 
VAL CG1 HG11 sing N N 150 
VAL CG1 HG12 sing N N 151 
VAL CG1 HG13 sing N N 152 
VAL CG2 HG21 sing N N 153 
VAL CG2 HG22 sing N N 154 
VAL CG2 HG23 sing N N 155 
VAL OXT HXT  sing N N 156 
# 
_atom_sites.entry_id                    3OVL 
_atom_sites.fract_transf_matrix[1][1]   -0.01002826 
_atom_sites.fract_transf_matrix[1][2]   -0.00193917 
_atom_sites.fract_transf_matrix[1][3]   0.01559164 
_atom_sites.fract_transf_matrix[2][1]   -0.09113028 
_atom_sites.fract_transf_matrix[2][2]   -0.16799184 
_atom_sites.fract_transf_matrix[2][3]   -0.07950696 
_atom_sites.fract_transf_matrix[3][1]   0.02688149 
_atom_sites.fract_transf_matrix[3][2]   -0.02706652 
_atom_sites.fract_transf_matrix[3][3]   0.02637803 
_atom_sites.fract_transf_vector[1]      -0.152205 
_atom_sites.fract_transf_vector[2]      0.067239 
_atom_sites.fract_transf_vector[3]      0.267460 
# 
loop_
_atom_type.symbol 
C  
N  
O  
S  
ZN 
# 
loop_
_atom_site.group_PDB 
_atom_site.id 
_atom_site.type_symbol 
_atom_site.label_atom_id 
_atom_site.label_alt_id 
_atom_site.label_comp_id 
_atom_site.label_asym_id 
_atom_site.label_entity_id 
_atom_site.label_seq_id 
_atom_site.pdbx_PDB_ins_code 
_atom_site.Cartn_x 
_atom_site.Cartn_y 
_atom_site.Cartn_z 
_atom_site.occupancy 
_atom_site.B_iso_or_equiv 
_atom_site.pdbx_formal_charge 
_atom_site.auth_seq_id 
_atom_site.auth_comp_id 
_atom_site.auth_asym_id 
_atom_site.auth_atom_id 
_atom_site.pdbx_PDB_model_num 
ATOM   1  N  N   . VAL A 1 1 ? -6.605 5.802   -4.036 1.00 13.14 ? 1  VAL A N   1 
ATOM   2  C  CA  . VAL A 1 1 ? -5.558 4.756   -4.217 1.00 13.01 ? 1  VAL A CA  1 
ATOM   3  C  C   . VAL A 1 1 ? -4.788 4.516   -2.893 1.00 13.33 ? 1  VAL A C   1 
ATOM   4  O  O   . VAL A 1 1 ? -4.221 5.455   -2.324 1.00 15.52 ? 1  VAL A O   1 
ATOM   5  C  CB  . VAL A 1 1 ? -4.592 5.160   -5.364 1.00 12.07 ? 1  VAL A CB  1 
ATOM   6  C  CG1 . VAL A 1 1 ? -3.461 4.171   -5.527 1.00 12.46 ? 1  VAL A CG1 1 
ATOM   7  C  CG2 . VAL A 1 1 ? -5.343 5.277   -6.643 1.00 10.08 ? 1  VAL A CG2 1 
ATOM   8  N  N   . GLN A 1 2 ? -4.768 3.270   -2.408 1.00 13.68 ? 2  GLN A N   1 
ATOM   9  C  CA  . GLN A 1 2 ? -3.894 2.877   -1.274 1.00 12.23 ? 2  GLN A CA  1 
ATOM   10 C  C   . GLN A 1 2 ? -2.936 1.740   -1.652 1.00 12.15 ? 2  GLN A C   1 
ATOM   11 O  O   . GLN A 1 2 ? -3.392 0.670   -2.068 1.00 11.46 ? 2  GLN A O   1 
ATOM   12 C  CB  . GLN A 1 2 ? -4.731 2.448   -0.063 1.00 13.05 ? 2  GLN A CB  1 
ATOM   13 C  CG  . GLN A 1 2 ? -3.897 2.001   1.141  1.00 13.48 ? 2  GLN A CG  1 
ATOM   14 C  CD  . GLN A 1 2 ? -4.746 1.507   2.297  1.00 19.26 ? 2  GLN A CD  1 
ATOM   15 O  OE1 . GLN A 1 2 ? -4.639 2.001   3.426  1.00 21.85 ? 2  GLN A OE1 1 
ATOM   16 N  NE2 . GLN A 1 2 ? -5.589 0.523   2.027  1.00 22.86 ? 2  GLN A NE2 1 
ATOM   17 N  N   . ILE A 1 3 ? -1.629 1.966   -1.476 1.00 11.10 ? 3  ILE A N   1 
ATOM   18 C  CA  . ILE A 1 3 ? -0.592 0.941   -1.699 1.00 11.69 ? 3  ILE A CA  1 
ATOM   19 C  C   . ILE A 1 3 ? 0.204  0.710   -0.413 1.00 10.68 ? 3  ILE A C   1 
ATOM   20 O  O   . ILE A 1 3 ? 0.673  1.658   0.223  1.00 12.60 ? 3  ILE A O   1 
ATOM   21 C  CB  . ILE A 1 3 ? 0.403  1.343   -2.841 1.00 13.06 ? 3  ILE A CB  1 
ATOM   22 C  CG1 . ILE A 1 3 ? -0.340 1.816   -4.095 1.00 14.22 ? 3  ILE A CG1 1 
ATOM   23 C  CG2 . ILE A 1 3 ? 1.351  0.196   -3.200 1.00 8.87  ? 3  ILE A CG2 1 
ATOM   24 C  CD1 . ILE A 1 3 ? -1.342 0.840   -4.626 1.00 18.25 ? 3  ILE A CD1 1 
ATOM   25 N  N   . VAL A 1 4 ? 0.371  -0.556  -0.041 1.00 10.79 ? 4  VAL A N   1 
ATOM   26 C  CA  . VAL A 1 4 ? 0.996  -0.923  1.221  1.00 9.20  ? 4  VAL A CA  1 
ATOM   27 C  C   . VAL A 1 4 ? 2.012  -2.043  1.013  1.00 10.71 ? 4  VAL A C   1 
ATOM   28 O  O   . VAL A 1 4 ? 1.656  -3.121  0.527  1.00 11.39 ? 4  VAL A O   1 
ATOM   29 C  CB  . VAL A 1 4 ? -0.058 -1.460  2.227  1.00 10.48 ? 4  VAL A CB  1 
ATOM   30 C  CG1 . VAL A 1 4 ? 0.629  -1.973  3.485  1.00 6.30  ? 4  VAL A CG1 1 
ATOM   31 C  CG2 . VAL A 1 4 ? -1.110 -0.398  2.563  1.00 6.87  ? 4  VAL A CG2 1 
ATOM   32 N  N   . TYR A 1 5 ? 3.263  -1.789  1.388  1.00 10.21 ? 5  TYR A N   1 
ATOM   33 C  CA  . TYR A 1 5 ? 4.304  -2.813  1.395  1.00 10.92 ? 5  TYR A CA  1 
ATOM   34 C  C   . TYR A 1 5 ? 4.629  -3.142  2.834  1.00 11.54 ? 5  TYR A C   1 
ATOM   35 O  O   . TYR A 1 5 ? 5.027  -2.251  3.590  1.00 11.89 ? 5  TYR A O   1 
ATOM   36 C  CB  . TYR A 1 5 ? 5.580  -2.277  0.760  1.00 10.78 ? 5  TYR A CB  1 
ATOM   37 C  CG  . TYR A 1 5 ? 5.504  -2.020  -0.712 1.00 10.88 ? 5  TYR A CG  1 
ATOM   38 C  CD1 . TYR A 1 5 ? 5.869  -3.006  -1.618 1.00 11.13 ? 5  TYR A CD1 1 
ATOM   39 C  CD2 . TYR A 1 5 ? 5.083  -0.785  -1.208 1.00 11.11 ? 5  TYR A CD2 1 
ATOM   40 C  CE1 . TYR A 1 5 ? 5.812  -2.777  -2.986 1.00 9.38  ? 5  TYR A CE1 1 
ATOM   41 C  CE2 . TYR A 1 5 ? 5.031  -0.541  -2.586 1.00 12.71 ? 5  TYR A CE2 1 
ATOM   42 C  CZ  . TYR A 1 5 ? 5.395  -1.548  -3.462 1.00 14.60 ? 5  TYR A CZ  1 
ATOM   43 O  OH  . TYR A 1 5 ? 5.349  -1.344  -4.818 1.00 19.28 ? 5  TYR A OH  1 
ATOM   44 N  N   . LYS A 1 6 ? 4.510  -4.413  3.201  1.00 13.21 ? 6  LYS A N   1 
ATOM   45 C  CA  . LYS A 1 6 ? 4.745  -4.839  4.575  1.00 14.82 ? 6  LYS A CA  1 
ATOM   46 C  C   . LYS A 1 6 ? 5.837  -5.885  4.645  1.00 16.42 ? 6  LYS A C   1 
ATOM   47 O  O   . LYS A 1 6 ? 6.244  -6.305  5.731  1.00 15.32 ? 6  LYS A O   1 
ATOM   48 C  CB  . LYS A 1 6 ? 3.453  -5.391  5.185  1.00 16.07 ? 6  LYS A CB  1 
ATOM   49 C  CG  . LYS A 1 6 ? 2.378  -4.338  5.382  1.00 18.03 ? 6  LYS A CG  1 
ATOM   50 C  CD  . LYS A 1 6 ? 1.082  -4.957  5.875  1.00 22.58 ? 6  LYS A CD  1 
ATOM   51 C  CE  . LYS A 1 6 ? 0.250  -3.910  6.582  1.00 25.77 ? 6  LYS A CE  1 
ATOM   52 N  NZ  . LYS A 1 6 ? -1.065 -4.411  7.062  1.00 25.81 ? 6  LYS A NZ  1 
ATOM   53 O  OXT . LYS A 1 6 ? 6.334  -6.349  3.619  1.00 16.38 ? 6  LYS A OXT 1 
HETATM 54 ZN ZN  . ZN  B 2 . ? -1.741 -2.159  8.374  0.50 32.05 ? 7  ZN  A ZN  1 
HETATM 55 ZN ZN  . ZN  C 2 . ? 7.819  -7.539  5.952  1.00 22.19 ? 8  ZN  A ZN  1 
HETATM 56 C  C   . ACY D 3 . ? 6.815  -10.230 6.256  1.00 22.09 ? 9  ACY A C   1 
HETATM 57 O  O   . ACY D 3 . ? 6.196  -11.222 5.832  1.00 21.97 ? 9  ACY A O   1 
HETATM 58 O  OXT . ACY D 3 . ? 7.093  -9.231  5.550  1.00 20.92 ? 9  ACY A OXT 1 
HETATM 59 C  CH3 . ACY D 3 . ? 7.240  -10.258 7.697  1.00 23.36 ? 9  ACY A CH3 1 
HETATM 60 C  C1  . ORA E 4 . ? -8.485 -7.017  2.525  0.25 36.92 ? 79 ORA A C1  1 
HETATM 61 N  N1  . ORA E 4 . ? -7.813 -3.221  4.137  0.25 33.27 ? 79 ORA A N1  1 
HETATM 62 O  O1  . ORA E 4 . ? -0.771 0.926   5.557  0.25 33.75 ? 79 ORA A O1  1 
HETATM 63 S  S1  . ORA E 4 . ? -1.263 0.184   6.740  0.25 32.06 ? 79 ORA A S1  1 
HETATM 64 C  C2  . ORA E 4 . ? -9.509 -6.391  3.260  0.25 36.47 ? 79 ORA A C2  1 
HETATM 65 N  N2  . ORA E 4 . ? -6.910 -3.116  5.034  0.25 32.44 ? 79 ORA A N2  1 
HETATM 66 O  O2  . ORA E 4 . ? -4.514 -3.494  3.540  0.25 30.38 ? 79 ORA A O2  1 
HETATM 67 S  S2  . ORA E 4 . ? -4.275 -3.585  4.999  0.25 30.16 ? 79 ORA A S2  1 
HETATM 68 C  C3  . ORA E 4 . ? -7.239 -6.377  2.327  0.25 36.11 ? 79 ORA A C3  1 
HETATM 69 O  O3  . ORA E 4 . ? -1.255 1.102   7.901  0.25 32.62 ? 79 ORA A O3  1 
HETATM 70 C  C4  . ORA E 4 . ? -6.193 0.796   6.702  0.25 30.05 ? 79 ORA A C4  1 
HETATM 71 O  O4  . ORA E 4 . ? -0.390 -0.969  7.012  0.25 29.49 ? 79 ORA A O4  1 
HETATM 72 C  C5  . ORA E 4 . ? -9.287 -5.126  3.798  0.25 35.97 ? 79 ORA A C5  1 
HETATM 73 O  O5  . ORA E 4 . ? -3.015 -4.326  5.233  0.25 25.49 ? 79 ORA A O5  1 
HETATM 74 C  C6  . ORA E 4 . ? -7.019 -5.113  2.863  0.25 35.48 ? 79 ORA A C6  1 
HETATM 75 O  O6  . ORA E 4 . ? -5.370 -4.346  5.634  0.25 29.45 ? 79 ORA A O6  1 
HETATM 76 C  C7  . ORA E 4 . ? -7.496 0.389   6.456  0.25 29.92 ? 79 ORA A C7  1 
HETATM 77 O  O7  . ORA E 4 . ? -9.046 -1.232  5.694  0.25 28.58 ? 79 ORA A O7  1 
HETATM 78 C  C8  . ORA E 4 . ? -3.839 0.436   6.694  0.25 31.92 ? 79 ORA A C8  1 
HETATM 79 C  C9  . ORA E 4 . ? -2.897 -1.622  5.897  0.25 30.72 ? 79 ORA A C9  1 
HETATM 80 C  C10 . ORA E 4 . ? -5.117 -0.036  6.421  0.25 30.63 ? 79 ORA A C10 1 
HETATM 81 C  C11 . ORA E 4 . ? -5.297 -1.311  5.881  0.25 30.67 ? 79 ORA A C11 1 
HETATM 82 C  C12 . ORA E 4 . ? -8.043 -4.490  3.597  0.25 35.15 ? 79 ORA A C12 1 
HETATM 83 C  C13 . ORA E 4 . ? -6.651 -1.802  5.596  0.25 31.32 ? 79 ORA A C13 1 
HETATM 84 C  C14 . ORA E 4 . ? -7.753 -0.863  5.921  0.25 30.13 ? 79 ORA A C14 1 
HETATM 85 C  C15 . ORA E 4 . ? -2.730 -0.356  6.435  0.25 31.46 ? 79 ORA A C15 1 
HETATM 86 C  C16 . ORA E 4 . ? -4.171 -2.108  5.615  0.25 30.33 ? 79 ORA A C16 1 
HETATM 87 O  O   . HOH F 5 . ? 6.924  -7.851  1.997  1.00 28.92 ? 10 HOH A O   1 
HETATM 88 O  O   . HOH F 5 . ? 7.476  -5.536  1.411  1.00 27.77 ? 11 HOH A O   1 
# 
